data_2F1F
#
_entry.id   2F1F
#
_cell.length_a   98.600
_cell.length_b   98.600
_cell.length_c   80.000
_cell.angle_alpha   90.00
_cell.angle_beta   90.00
_cell.angle_gamma   90.00
#
_symmetry.space_group_name_H-M   'I 4'
#
loop_
_entity.id
_entity.type
_entity.pdbx_description
1 polymer 'Acetolactate synthase isozyme III small subunit'
2 non-polymer 'MAGNESIUM ION'
3 non-polymer 'PENTAETHYLENE GLYCOL'
4 non-polymer 3,6,9,12,15,18-HEXAOXAICOSANE-1,20-DIOL
5 water water
#
_entity_poly.entity_id   1
_entity_poly.type   'polypeptide(L)'
_entity_poly.pdbx_seq_one_letter_code
;MARRILSVLLENESGALSRVIGLFSQRGYNIESLTVAPTDDPTLSRMTIQTVGDEKVLEQIEKQLHKLVDVLRVSELGQG
AHVEREIMLVKIQASGYGRDEVKRNTEIFRGQIIDVTPSLYTVQLAGTSGKLDAFLASIRDVAKIVEVARSGVVGLSRGD
KIMR
;
_entity_poly.pdbx_strand_id   A,B
#
loop_
_chem_comp.id
_chem_comp.type
_chem_comp.name
_chem_comp.formula
1PE non-polymer 'PENTAETHYLENE GLYCOL' 'C10 H22 O6'
MG non-polymer 'MAGNESIUM ION' 'Mg 2'
P33 non-polymer 3,6,9,12,15,18-HEXAOXAICOSANE-1,20-DIOL 'C14 H30 O8'
#
# COMPACT_ATOMS: atom_id res chain seq x y z
N ALA A 2 8.49 -11.63 -17.06
CA ALA A 2 7.20 -12.22 -16.67
C ALA A 2 6.60 -11.45 -15.47
N ARG A 3 7.29 -10.44 -14.98
CA ARG A 3 6.80 -9.57 -13.89
C ARG A 3 6.76 -8.12 -14.39
N ARG A 4 5.61 -7.45 -14.22
CA ARG A 4 5.45 -6.06 -14.68
C ARG A 4 4.90 -5.22 -13.53
N ILE A 5 5.28 -3.94 -13.48
CA ILE A 5 4.67 -3.03 -12.50
C ILE A 5 4.04 -1.88 -13.25
N LEU A 6 2.72 -1.73 -13.11
CA LEU A 6 1.94 -0.69 -13.79
C LEU A 6 1.49 0.39 -12.80
N SER A 7 1.70 1.63 -13.16
CA SER A 7 1.19 2.76 -12.37
C SER A 7 -0.04 3.33 -13.15
N VAL A 8 -1.13 3.57 -12.46
CA VAL A 8 -2.37 4.06 -13.05
C VAL A 8 -2.86 5.29 -12.29
N LEU A 9 -3.17 6.36 -13.02
CA LEU A 9 -3.81 7.55 -12.44
C LEU A 9 -5.32 7.43 -12.76
N LEU A 10 -6.13 7.36 -11.73
CA LEU A 10 -7.56 7.11 -11.97
C LEU A 10 -8.49 8.01 -11.20
N GLU A 11 -9.62 8.31 -11.83
CA GLU A 11 -10.52 9.24 -11.23
C GLU A 11 -11.14 8.57 -10.04
N ASN A 12 -11.36 9.32 -8.98
CA ASN A 12 -11.78 8.69 -7.73
C ASN A 12 -13.20 8.05 -7.62
N GLU A 13 -13.98 8.23 -8.67
CA GLU A 13 -15.45 7.89 -8.76
C GLU A 13 -15.81 6.47 -8.30
N SER A 14 -17.01 6.28 -7.72
CA SER A 14 -17.45 4.90 -7.34
C SER A 14 -17.48 4.13 -8.64
N GLY A 15 -16.97 2.90 -8.58
CA GLY A 15 -17.00 2.03 -9.71
C GLY A 15 -15.67 1.92 -10.38
N ALA A 16 -14.83 2.94 -10.24
CA ALA A 16 -13.58 2.96 -11.02
C ALA A 16 -12.67 1.77 -10.64
N LEU A 17 -12.49 1.53 -9.36
CA LEU A 17 -11.63 0.42 -8.93
C LEU A 17 -12.19 -0.96 -9.38
N SER A 18 -13.49 -1.13 -9.23
CA SER A 18 -14.19 -2.29 -9.82
C SER A 18 -13.90 -2.55 -11.28
N ARG A 19 -13.93 -1.51 -12.10
CA ARG A 19 -13.71 -1.66 -13.53
C ARG A 19 -12.30 -2.08 -13.85
N VAL A 20 -11.33 -1.48 -13.17
CA VAL A 20 -9.94 -1.93 -13.34
C VAL A 20 -9.77 -3.39 -12.90
N ILE A 21 -10.17 -3.73 -11.69
CA ILE A 21 -9.99 -5.13 -11.24
C ILE A 21 -10.78 -6.12 -12.16
N GLY A 22 -12.01 -5.72 -12.50
CA GLY A 22 -12.85 -6.50 -13.42
C GLY A 22 -12.17 -6.84 -14.75
N LEU A 23 -11.41 -5.91 -15.26
CA LEU A 23 -10.64 -6.11 -16.48
C LEU A 23 -9.59 -7.22 -16.33
N PHE A 24 -8.92 -7.30 -15.16
CA PHE A 24 -7.97 -8.38 -14.90
C PHE A 24 -8.66 -9.74 -14.66
N SER A 25 -9.78 -9.66 -13.97
CA SER A 25 -10.54 -10.85 -13.61
C SER A 25 -10.93 -11.55 -14.97
N GLN A 26 -11.27 -10.74 -15.95
CA GLN A 26 -11.53 -11.20 -17.34
C GLN A 26 -10.25 -11.30 -18.23
N ARG A 27 -9.34 -12.16 -17.81
CA ARG A 27 -8.37 -12.83 -18.70
C ARG A 27 -7.57 -13.73 -17.82
N GLY A 28 -7.81 -13.56 -16.53
CA GLY A 28 -6.88 -14.01 -15.53
C GLY A 28 -5.59 -13.23 -15.68
N TYR A 29 -5.68 -11.93 -15.98
CA TYR A 29 -4.48 -11.13 -15.71
C TYR A 29 -4.29 -11.34 -14.19
N ASN A 30 -3.09 -11.73 -13.78
CA ASN A 30 -2.84 -12.06 -12.39
C ASN A 30 -2.56 -10.74 -11.68
N ILE A 31 -2.98 -10.64 -10.43
CA ILE A 31 -2.62 -9.50 -9.58
C ILE A 31 -1.81 -10.07 -8.42
N GLU A 32 -0.50 -9.90 -8.48
CA GLU A 32 0.35 -10.29 -7.36
C GLU A 32 0.16 -9.33 -6.17
N SER A 33 0.18 -8.02 -6.42
CA SER A 33 -0.14 -7.05 -5.37
C SER A 33 -0.75 -5.83 -5.99
N LEU A 34 -1.47 -5.05 -5.18
CA LEU A 34 -2.11 -3.82 -5.67
C LEU A 34 -2.22 -2.83 -4.51
N THR A 35 -1.92 -1.58 -4.77
CA THR A 35 -2.15 -0.50 -3.80
C THR A 35 -2.85 0.61 -4.55
N VAL A 36 -3.75 1.26 -3.86
CA VAL A 36 -4.47 2.40 -4.42
C VAL A 36 -4.90 3.31 -3.31
N ALA A 37 -4.70 4.61 -3.50
CA ALA A 37 -5.06 5.63 -2.48
C ALA A 37 -5.06 7.01 -3.14
N PRO A 38 -5.68 7.99 -2.49
CA PRO A 38 -5.76 9.35 -3.06
C PRO A 38 -4.39 9.99 -3.23
N THR A 39 -4.25 10.82 -4.24
CA THR A 39 -3.11 11.70 -4.42
C THR A 39 -3.38 12.98 -3.65
N ASP A 40 -2.61 14.05 -3.85
CA ASP A 40 -2.95 15.31 -3.16
C ASP A 40 -4.02 16.07 -3.95
N ASP A 41 -4.55 15.39 -4.97
CA ASP A 41 -6.06 15.19 -5.22
C ASP A 41 -6.74 15.98 -6.25
N PRO A 42 -6.15 16.18 -7.44
CA PRO A 42 -7.03 16.72 -8.52
C PRO A 42 -8.32 15.89 -8.75
N THR A 43 -8.77 15.35 -7.60
CA THR A 43 -9.48 14.07 -7.37
C THR A 43 -9.20 13.04 -8.40
N LEU A 44 -8.07 12.51 -8.02
CA LEU A 44 -7.44 11.38 -8.59
C LEU A 44 -6.90 10.50 -7.49
N SER A 45 -6.91 9.20 -7.75
CA SER A 45 -6.09 8.28 -7.02
C SER A 45 -4.98 7.74 -7.89
N ARG A 46 -3.95 7.18 -7.25
CA ARG A 46 -2.85 6.49 -7.97
C ARG A 46 -2.82 5.03 -7.52
N MET A 47 -2.65 4.12 -8.47
CA MET A 47 -2.73 2.70 -8.26
C MET A 47 -1.34 2.16 -8.68
N THR A 48 -0.81 1.20 -7.94
CA THR A 48 0.34 0.45 -8.40
C THR A 48 -0.06 -1.01 -8.43
N ILE A 49 0.08 -1.63 -9.59
CA ILE A 49 -0.30 -3.03 -9.76
C ILE A 49 0.89 -3.86 -10.17
N GLN A 50 1.16 -4.92 -9.43
CA GLN A 50 2.23 -5.87 -9.74
C GLN A 50 1.59 -7.11 -10.40
N THR A 51 1.98 -7.39 -11.62
CA THR A 51 1.40 -8.52 -12.39
C THR A 51 2.50 -9.47 -12.77
N VAL A 52 2.15 -10.74 -12.81
CA VAL A 52 3.10 -11.82 -13.10
C VAL A 52 2.44 -12.73 -14.15
N GLY A 53 3.16 -13.04 -15.21
CA GLY A 53 2.61 -13.94 -16.24
C GLY A 53 3.31 -13.79 -17.58
N ASP A 54 2.61 -14.17 -18.65
CA ASP A 54 3.19 -14.11 -19.98
C ASP A 54 3.27 -12.67 -20.49
N GLU A 55 4.48 -12.29 -20.93
CA GLU A 55 4.78 -10.93 -21.48
C GLU A 55 3.75 -10.52 -22.54
N LYS A 56 3.26 -11.53 -23.28
CA LYS A 56 2.26 -11.32 -24.33
C LYS A 56 0.94 -10.74 -23.77
N VAL A 57 0.31 -11.46 -22.86
CA VAL A 57 -0.94 -11.03 -22.22
C VAL A 57 -0.71 -9.81 -21.31
N LEU A 58 0.45 -9.76 -20.66
CA LEU A 58 0.84 -8.61 -19.81
C LEU A 58 0.98 -7.32 -20.64
N GLU A 59 1.15 -7.47 -21.96
CA GLU A 59 1.18 -6.32 -22.87
C GLU A 59 -0.18 -5.94 -23.45
N GLN A 60 -1.12 -6.87 -23.45
CA GLN A 60 -2.51 -6.58 -23.84
C GLN A 60 -3.13 -5.68 -22.76
N ILE A 61 -2.61 -5.84 -21.53
CA ILE A 61 -3.13 -5.15 -20.34
C ILE A 61 -3.20 -3.64 -20.51
N GLU A 62 -2.06 -3.04 -20.82
CA GLU A 62 -1.95 -1.58 -20.86
C GLU A 62 -2.91 -0.93 -21.86
N LYS A 63 -3.06 -1.55 -23.03
CA LYS A 63 -3.99 -0.99 -24.07
C LYS A 63 -5.46 -1.00 -23.61
N GLN A 64 -5.81 -2.06 -22.93
CA GLN A 64 -7.15 -2.22 -22.40
C GLN A 64 -7.44 -1.28 -21.24
N LEU A 65 -6.44 -1.01 -20.38
CA LEU A 65 -6.60 -0.01 -19.33
C LEU A 65 -6.93 1.37 -19.87
N HIS A 66 -6.28 1.75 -20.96
CA HIS A 66 -6.54 3.05 -21.56
C HIS A 66 -8.00 3.26 -22.04
N LYS A 67 -8.70 2.18 -22.30
CA LYS A 67 -10.10 2.26 -22.76
C LYS A 67 -11.03 2.67 -21.63
N LEU A 68 -10.63 2.45 -20.39
CA LEU A 68 -11.50 2.68 -19.29
C LEU A 68 -11.66 4.16 -19.10
N VAL A 69 -12.90 4.66 -19.00
CA VAL A 69 -13.08 6.11 -18.97
C VAL A 69 -12.54 6.78 -17.73
N ASP A 70 -12.42 6.02 -16.63
CA ASP A 70 -11.93 6.61 -15.34
C ASP A 70 -10.40 6.60 -15.31
N VAL A 71 -9.77 5.98 -16.28
CA VAL A 71 -8.29 5.85 -16.32
C VAL A 71 -7.70 7.06 -17.10
N LEU A 72 -6.86 7.84 -16.43
CA LEU A 72 -6.32 9.06 -16.97
C LEU A 72 -4.94 8.83 -17.63
N ARG A 73 -4.10 8.02 -16.99
CA ARG A 73 -2.76 7.72 -17.46
C ARG A 73 -2.40 6.31 -16.96
N VAL A 74 -1.55 5.66 -17.73
CA VAL A 74 -0.98 4.35 -17.40
C VAL A 74 0.48 4.39 -17.78
N SER A 75 1.35 3.87 -16.91
CA SER A 75 2.79 3.83 -17.19
C SER A 75 3.35 2.49 -16.71
N GLU A 76 4.18 1.82 -17.52
CA GLU A 76 4.87 0.58 -17.11
C GLU A 76 6.20 1.01 -16.47
N LEU A 77 6.26 0.91 -15.15
CA LEU A 77 7.42 1.49 -14.40
C LEU A 77 8.79 0.90 -14.76
N GLY A 78 8.80 -0.38 -15.17
CA GLY A 78 10.06 -1.08 -15.45
C GLY A 78 10.75 -0.71 -16.75
N GLN A 79 10.10 0.08 -17.58
CA GLN A 79 10.74 0.48 -18.84
C GLN A 79 11.65 1.69 -18.65
N GLY A 80 11.75 2.16 -17.42
CA GLY A 80 12.73 3.21 -17.15
C GLY A 80 13.18 3.05 -15.72
N ALA A 81 13.95 4.02 -15.26
CA ALA A 81 14.48 4.00 -13.88
C ALA A 81 13.32 4.26 -12.91
N HIS A 82 13.21 3.41 -11.91
CA HIS A 82 12.10 3.52 -10.93
C HIS A 82 12.45 3.10 -9.50
N VAL A 83 11.57 3.47 -8.57
CA VAL A 83 11.73 3.06 -7.15
C VAL A 83 10.49 2.36 -6.74
N GLU A 84 10.65 1.32 -5.96
CA GLU A 84 9.51 0.56 -5.41
C GLU A 84 9.71 0.34 -3.92
N ARG A 85 8.67 0.54 -3.16
CA ARG A 85 8.69 0.33 -1.72
C ARG A 85 7.40 -0.38 -1.22
N GLU A 86 7.49 -1.00 -0.05
CA GLU A 86 6.38 -1.63 0.65
C GLU A 86 6.57 -1.27 2.12
N ILE A 87 5.49 -1.36 2.86
CA ILE A 87 5.58 -1.29 4.33
C ILE A 87 5.02 -2.58 4.92
N MET A 88 5.62 -3.01 6.03
CA MET A 88 5.19 -4.18 6.74
C MET A 88 5.12 -3.89 8.25
N LEU A 89 4.10 -4.46 8.89
CA LEU A 89 4.05 -4.56 10.33
C LEU A 89 4.15 -6.05 10.69
N VAL A 90 5.00 -6.37 11.64
CA VAL A 90 5.18 -7.76 12.06
C VAL A 90 5.23 -7.91 13.57
N LYS A 91 4.28 -8.69 14.08
CA LYS A 91 4.21 -8.98 15.50
C LYS A 91 5.05 -10.22 15.77
N ILE A 92 5.95 -10.13 16.74
CA ILE A 92 6.94 -11.18 16.98
C ILE A 92 7.03 -11.50 18.47
N GLN A 93 6.97 -12.79 18.80
CA GLN A 93 7.09 -13.22 20.20
C GLN A 93 8.50 -13.70 20.41
N ALA A 94 9.13 -13.20 21.46
CA ALA A 94 10.55 -13.56 21.75
C ALA A 94 10.87 -13.42 23.23
N SER A 95 11.90 -14.17 23.64
CA SER A 95 12.36 -14.17 25.02
C SER A 95 13.89 -14.24 24.98
N GLY A 96 14.56 -13.65 25.96
CA GLY A 96 16.02 -13.84 26.07
C GLY A 96 16.80 -13.46 24.82
N TYR A 97 17.69 -14.35 24.40
CA TYR A 97 18.53 -14.17 23.19
C TYR A 97 17.70 -13.77 21.98
N GLY A 98 16.51 -14.35 21.84
CA GLY A 98 15.61 -14.01 20.76
C GLY A 98 15.17 -12.56 20.75
N ARG A 99 14.91 -11.99 21.93
CA ARG A 99 14.50 -10.57 22.06
C ARG A 99 15.70 -9.70 21.58
N ASP A 100 16.89 -9.99 22.10
CA ASP A 100 18.13 -9.42 21.59
C ASP A 100 18.28 -9.44 20.09
N GLU A 101 18.10 -10.61 19.50
CA GLU A 101 18.23 -10.74 18.03
C GLU A 101 17.20 -9.92 17.28
N VAL A 102 15.96 -9.95 17.74
CA VAL A 102 14.91 -9.14 17.09
C VAL A 102 15.21 -7.67 17.15
N LYS A 103 15.59 -7.16 18.33
CA LYS A 103 16.02 -5.78 18.44
C LYS A 103 17.20 -5.42 17.52
N ARG A 104 18.24 -6.23 17.54
CA ARG A 104 19.43 -6.05 16.70
C ARG A 104 19.04 -6.01 15.24
N ASN A 105 18.21 -6.95 14.81
CA ASN A 105 17.88 -7.04 13.39
C ASN A 105 17.01 -5.91 12.95
N THR A 106 16.17 -5.45 13.88
CA THR A 106 15.35 -4.29 13.60
C THR A 106 16.25 -3.09 13.35
N GLU A 107 17.25 -2.89 14.20
CA GLU A 107 18.24 -1.81 13.98
C GLU A 107 18.95 -1.94 12.65
N ILE A 108 19.44 -3.14 12.36
CA ILE A 108 20.18 -3.40 11.13
C ILE A 108 19.39 -3.04 9.87
N PHE A 109 18.12 -3.42 9.83
CA PHE A 109 17.23 -3.21 8.72
C PHE A 109 16.59 -1.81 8.71
N ARG A 110 16.92 -1.01 9.72
CA ARG A 110 16.38 0.35 9.93
C ARG A 110 14.85 0.37 10.03
N GLY A 111 14.32 -0.59 10.76
CA GLY A 111 12.95 -0.65 11.16
C GLY A 111 12.78 0.07 12.48
N GLN A 112 11.58 0.01 13.03
CA GLN A 112 11.36 0.53 14.38
C GLN A 112 10.27 -0.25 15.09
N ILE A 113 10.40 -0.34 16.38
CA ILE A 113 9.43 -1.06 17.20
C ILE A 113 8.36 -0.08 17.65
N ILE A 114 7.13 -0.43 17.31
CA ILE A 114 5.98 0.49 17.56
C ILE A 114 5.00 0.01 18.62
N ASP A 115 5.29 -1.15 19.21
CA ASP A 115 4.46 -1.68 20.33
C ASP A 115 5.35 -2.69 21.05
N VAL A 116 5.28 -2.74 22.36
CA VAL A 116 6.17 -3.58 23.23
C VAL A 116 5.44 -4.07 24.41
N THR A 117 5.40 -5.37 24.60
CA THR A 117 4.96 -5.93 25.84
C THR A 117 6.13 -6.81 26.33
N PRO A 118 6.04 -7.36 27.57
CA PRO A 118 7.16 -8.17 27.96
C PRO A 118 7.49 -9.38 27.10
N SER A 119 6.54 -9.85 26.28
CA SER A 119 6.79 -10.99 25.42
C SER A 119 6.69 -10.70 23.87
N LEU A 120 6.20 -9.51 23.48
CA LEU A 120 5.89 -9.23 22.07
C LEU A 120 6.51 -7.93 21.62
N TYR A 121 7.01 -7.91 20.38
CA TYR A 121 7.31 -6.64 19.70
C TYR A 121 6.50 -6.53 18.42
N THR A 122 6.04 -5.35 18.08
CA THR A 122 5.48 -5.07 16.75
C THR A 122 6.46 -4.19 16.01
N VAL A 123 7.02 -4.71 14.92
CA VAL A 123 8.05 -4.02 14.15
C VAL A 123 7.42 -3.40 12.87
N GLN A 124 7.77 -2.16 12.58
CA GLN A 124 7.40 -1.49 11.35
C GLN A 124 8.66 -1.41 10.50
N LEU A 125 8.56 -1.90 9.27
CA LEU A 125 9.70 -1.89 8.35
C LEU A 125 9.23 -1.45 6.97
N ALA A 126 9.95 -0.51 6.37
CA ALA A 126 9.71 -0.06 5.00
C ALA A 126 10.97 -0.39 4.15
N GLY A 127 10.79 -0.66 2.88
CA GLY A 127 11.90 -0.97 1.97
C GLY A 127 11.39 -1.65 0.73
N THR A 128 12.28 -2.14 -0.11
CA THR A 128 11.89 -2.99 -1.24
C THR A 128 11.31 -4.32 -0.71
N SER A 129 10.58 -5.05 -1.57
CA SER A 129 10.01 -6.32 -1.16
C SER A 129 11.09 -7.29 -0.68
N GLY A 130 12.21 -7.28 -1.38
CA GLY A 130 13.37 -8.13 -1.04
C GLY A 130 13.95 -7.79 0.33
N LYS A 131 14.02 -6.52 0.66
CA LYS A 131 14.43 -6.09 2.00
C LYS A 131 13.52 -6.67 3.08
N LEU A 132 12.19 -6.55 2.88
CA LEU A 132 11.25 -7.05 3.84
C LEU A 132 11.36 -8.59 3.95
N ASP A 133 11.48 -9.28 2.80
CA ASP A 133 11.63 -10.74 2.78
C ASP A 133 12.87 -11.15 3.58
N ALA A 134 13.98 -10.41 3.38
CA ALA A 134 15.25 -10.68 4.11
C ALA A 134 15.15 -10.48 5.62
N PHE A 135 14.37 -9.47 6.07
CA PHE A 135 14.10 -9.28 7.48
C PHE A 135 13.41 -10.55 8.11
N LEU A 136 12.33 -10.98 7.50
CA LEU A 136 11.60 -12.18 7.94
C LEU A 136 12.52 -13.40 8.01
N ALA A 137 13.31 -13.58 6.95
CA ALA A 137 14.29 -14.70 6.86
C ALA A 137 15.31 -14.66 7.99
N SER A 138 15.72 -13.48 8.41
CA SER A 138 16.75 -13.28 9.44
C SER A 138 16.29 -13.65 10.85
N ILE A 139 14.96 -13.71 11.07
CA ILE A 139 14.42 -13.94 12.41
C ILE A 139 13.50 -15.16 12.56
N ARG A 140 12.97 -15.62 11.43
CA ARG A 140 11.96 -16.70 11.37
C ARG A 140 12.39 -17.90 12.19
N ASP A 141 13.68 -18.19 12.19
CA ASP A 141 14.08 -19.37 12.94
C ASP A 141 14.67 -19.09 14.30
N VAL A 142 14.59 -17.84 14.76
CA VAL A 142 15.10 -17.42 16.07
C VAL A 142 14.00 -16.92 17.05
N ALA A 143 12.89 -16.44 16.51
CA ALA A 143 11.83 -15.90 17.30
C ALA A 143 10.56 -16.39 16.58
N LYS A 144 9.42 -16.14 17.17
CA LYS A 144 8.16 -16.59 16.60
C LYS A 144 7.37 -15.45 15.92
N ILE A 145 7.08 -15.60 14.64
CA ILE A 145 6.31 -14.56 13.91
C ILE A 145 4.83 -14.87 14.20
N VAL A 146 4.16 -13.96 14.90
CA VAL A 146 2.76 -14.14 15.19
C VAL A 146 1.77 -13.62 14.16
N GLU A 147 2.06 -12.50 13.50
CA GLU A 147 1.19 -11.98 12.47
C GLU A 147 1.98 -11.00 11.64
N VAL A 148 1.64 -10.98 10.35
CA VAL A 148 2.25 -10.09 9.40
C VAL A 148 1.15 -9.33 8.67
N ALA A 149 1.30 -8.01 8.57
CA ALA A 149 0.50 -7.16 7.69
C ALA A 149 1.43 -6.43 6.72
N ARG A 150 1.23 -6.59 5.43
CA ARG A 150 2.12 -6.03 4.41
C ARG A 150 1.30 -5.31 3.34
N SER A 151 1.78 -4.16 2.86
CA SER A 151 1.08 -3.37 1.91
C SER A 151 1.10 -3.89 0.48
N GLY A 152 2.12 -4.62 0.08
CA GLY A 152 2.25 -4.60 -1.39
C GLY A 152 2.94 -3.31 -1.94
N VAL A 153 3.39 -3.39 -3.19
CA VAL A 153 4.31 -2.43 -3.80
C VAL A 153 3.68 -1.07 -4.11
N VAL A 154 4.36 0.01 -3.73
CA VAL A 154 4.12 1.40 -4.27
C VAL A 154 5.31 1.78 -5.10
N GLY A 155 5.06 2.41 -6.25
CA GLY A 155 6.14 2.76 -7.17
C GLY A 155 6.03 4.13 -7.79
N LEU A 156 7.18 4.71 -8.10
CA LEU A 156 7.29 5.96 -8.91
C LEU A 156 8.52 5.86 -9.83
N SER A 157 8.47 6.52 -10.98
CA SER A 157 9.65 6.66 -11.79
C SER A 157 10.64 7.60 -11.09
N ARG A 158 11.91 7.45 -11.40
CA ARG A 158 12.94 8.33 -10.85
C ARG A 158 13.00 9.60 -11.64
N GLY A 159 13.41 10.67 -10.99
CA GLY A 159 13.85 11.85 -11.71
C GLY A 159 12.74 12.56 -12.41
N ASP A 160 13.05 13.17 -13.57
CA ASP A 160 12.00 14.00 -14.17
C ASP A 160 11.01 13.23 -15.08
N LYS A 161 11.03 11.90 -15.00
CA LYS A 161 9.94 11.12 -15.60
C LYS A 161 8.78 11.13 -14.64
N ILE A 162 7.69 11.78 -15.06
CA ILE A 162 6.56 12.10 -14.22
C ILE A 162 5.30 11.75 -14.96
N MET A 163 4.42 10.98 -14.30
CA MET A 163 3.08 10.64 -14.86
C MET A 163 2.15 11.74 -14.39
N ARG A 164 1.79 12.66 -15.28
CA ARG A 164 0.85 13.75 -14.89
C ARG A 164 -0.26 13.88 -15.93
N ALA B 2 -18.62 7.20 9.48
CA ALA B 2 -17.27 7.72 9.12
C ALA B 2 -16.31 6.55 8.75
N ARG B 3 -15.07 6.62 9.24
CA ARG B 3 -13.96 5.74 8.82
C ARG B 3 -14.02 4.31 9.37
N ARG B 4 -14.04 3.34 8.44
CA ARG B 4 -13.91 1.91 8.75
C ARG B 4 -12.78 1.23 7.93
N ILE B 5 -12.12 0.28 8.55
CA ILE B 5 -11.00 -0.48 7.99
C ILE B 5 -11.32 -1.97 8.15
N LEU B 6 -11.46 -2.66 7.03
CA LEU B 6 -11.61 -4.13 7.06
C LEU B 6 -10.35 -4.81 6.57
N SER B 7 -9.94 -5.88 7.24
CA SER B 7 -8.95 -6.79 6.69
C SER B 7 -9.58 -8.11 6.24
N VAL B 8 -9.20 -8.60 5.06
CA VAL B 8 -9.80 -9.79 4.45
C VAL B 8 -8.69 -10.76 4.01
N LEU B 9 -8.80 -12.00 4.42
CA LEU B 9 -7.94 -13.04 3.86
C LEU B 9 -8.70 -13.78 2.75
N LEU B 10 -8.13 -13.89 1.56
CA LEU B 10 -8.84 -14.51 0.44
C LEU B 10 -7.96 -15.36 -0.49
N GLU B 11 -8.62 -16.30 -1.17
CA GLU B 11 -7.94 -17.20 -2.11
C GLU B 11 -7.62 -16.31 -3.28
N ASN B 12 -6.36 -16.27 -3.66
CA ASN B 12 -5.85 -15.25 -4.58
C ASN B 12 -5.85 -15.56 -6.08
N GLU B 13 -6.82 -14.95 -6.70
CA GLU B 13 -7.00 -14.94 -8.11
C GLU B 13 -7.86 -13.71 -8.15
N SER B 14 -8.19 -13.20 -9.32
CA SER B 14 -9.47 -12.59 -9.19
C SER B 14 -10.67 -13.52 -9.38
N GLY B 15 -11.67 -12.99 -10.03
CA GLY B 15 -12.98 -13.28 -9.57
C GLY B 15 -12.97 -12.91 -8.10
N ALA B 16 -12.09 -13.50 -7.29
CA ALA B 16 -12.17 -13.38 -5.82
C ALA B 16 -12.06 -11.91 -5.35
N LEU B 17 -11.04 -11.26 -5.88
CA LEU B 17 -10.81 -9.84 -5.58
C LEU B 17 -11.96 -9.03 -6.18
N SER B 18 -12.31 -9.37 -7.41
CA SER B 18 -13.43 -8.69 -8.12
C SER B 18 -14.79 -8.88 -7.37
N ARG B 19 -15.05 -10.09 -6.90
CA ARG B 19 -16.25 -10.33 -6.06
C ARG B 19 -16.34 -9.50 -4.78
N VAL B 20 -15.22 -9.42 -4.04
CA VAL B 20 -15.18 -8.60 -2.81
C VAL B 20 -15.42 -7.14 -3.16
N ILE B 21 -14.66 -6.60 -4.10
CA ILE B 21 -14.80 -5.16 -4.40
C ILE B 21 -16.21 -4.81 -4.98
N GLY B 22 -16.73 -5.74 -5.74
CA GLY B 22 -18.14 -5.71 -6.25
C GLY B 22 -19.22 -5.51 -5.20
N LEU B 23 -19.03 -6.09 -4.03
CA LEU B 23 -19.94 -5.89 -2.90
C LEU B 23 -20.03 -4.43 -2.48
N PHE B 24 -18.90 -3.73 -2.55
CA PHE B 24 -18.86 -2.31 -2.29
C PHE B 24 -19.45 -1.46 -3.43
N SER B 25 -19.08 -1.77 -4.66
CA SER B 25 -19.41 -0.89 -5.78
C SER B 25 -20.90 -0.97 -6.12
N GLN B 26 -21.47 -2.15 -5.94
CA GLN B 26 -22.92 -2.32 -6.22
C GLN B 26 -23.80 -1.50 -5.25
N ARG B 27 -23.28 -1.20 -4.06
CA ARG B 27 -23.93 -0.27 -3.14
C ARG B 27 -23.50 1.20 -3.37
N GLY B 28 -22.65 1.43 -4.36
CA GLY B 28 -22.06 2.77 -4.59
C GLY B 28 -21.31 3.31 -3.37
N TYR B 29 -20.62 2.42 -2.67
CA TYR B 29 -20.00 2.74 -1.37
C TYR B 29 -18.56 3.20 -1.63
N ASN B 30 -18.20 4.35 -1.06
CA ASN B 30 -16.85 4.93 -1.18
C ASN B 30 -15.73 4.00 -0.64
N ILE B 31 -14.77 3.64 -1.50
CA ILE B 31 -13.50 3.03 -1.04
C ILE B 31 -12.42 4.09 -1.10
N GLU B 32 -11.80 4.42 0.03
CA GLU B 32 -10.77 5.46 0.04
C GLU B 32 -9.44 4.84 -0.36
N SER B 33 -9.12 3.69 0.24
CA SER B 33 -7.86 3.02 -0.10
C SER B 33 -8.03 1.50 -0.09
N LEU B 34 -7.17 0.83 -0.83
CA LEU B 34 -7.15 -0.61 -0.88
C LEU B 34 -5.70 -1.09 -1.05
N THR B 35 -5.28 -2.04 -0.20
CA THR B 35 -4.03 -2.78 -0.39
C THR B 35 -4.30 -4.27 -0.44
N VAL B 36 -3.60 -4.94 -1.34
CA VAL B 36 -3.62 -6.40 -1.41
C VAL B 36 -2.20 -6.94 -1.66
N ALA B 37 -1.79 -7.89 -0.84
CA ALA B 37 -0.48 -8.50 -0.96
C ALA B 37 -0.49 -10.02 -0.70
N PRO B 38 0.51 -10.76 -1.25
CA PRO B 38 0.68 -12.18 -0.94
C PRO B 38 1.02 -12.44 0.51
N THR B 39 0.66 -13.62 1.02
CA THR B 39 0.93 -14.02 2.39
C THR B 39 1.96 -15.14 2.36
N ASP B 40 2.32 -15.65 3.53
CA ASP B 40 3.08 -16.91 3.64
C ASP B 40 2.61 -17.94 2.61
N ASP B 41 1.31 -18.17 2.65
CA ASP B 41 0.65 -19.18 1.79
C ASP B 41 0.56 -18.72 0.33
N PRO B 42 1.18 -19.48 -0.59
CA PRO B 42 1.21 -19.04 -2.01
C PRO B 42 -0.17 -18.93 -2.67
N THR B 43 -1.18 -19.47 -1.99
CA THR B 43 -2.54 -19.49 -2.52
C THR B 43 -3.47 -18.38 -1.95
N LEU B 44 -2.97 -17.68 -0.94
CA LEU B 44 -3.77 -16.72 -0.15
C LEU B 44 -3.19 -15.29 -0.19
N SER B 45 -4.08 -14.31 -0.31
CA SER B 45 -3.74 -12.84 -0.26
C SER B 45 -4.40 -12.22 0.93
N ARG B 46 -3.80 -11.13 1.42
CA ARG B 46 -4.41 -10.34 2.47
C ARG B 46 -4.70 -8.96 1.92
N MET B 47 -5.95 -8.59 2.06
CA MET B 47 -6.43 -7.31 1.58
C MET B 47 -6.79 -6.44 2.78
N THR B 48 -6.52 -5.16 2.70
CA THR B 48 -7.02 -4.18 3.72
C THR B 48 -7.72 -3.04 3.00
N ILE B 49 -8.98 -2.79 3.36
CA ILE B 49 -9.81 -1.81 2.68
C ILE B 49 -10.26 -0.73 3.66
N GLN B 50 -10.16 0.51 3.24
CA GLN B 50 -10.55 1.65 4.06
C GLN B 50 -11.68 2.39 3.37
N THR B 51 -12.80 2.55 4.08
CA THR B 51 -13.99 3.13 3.49
C THR B 51 -14.52 4.22 4.40
N VAL B 52 -15.15 5.22 3.80
CA VAL B 52 -15.92 6.23 4.56
C VAL B 52 -17.40 6.03 4.24
N GLY B 53 -18.15 5.60 5.24
CA GLY B 53 -19.60 5.37 5.10
C GLY B 53 -20.36 5.92 6.30
N ASP B 54 -21.70 5.90 6.31
CA ASP B 54 -22.59 4.94 5.64
C ASP B 54 -22.67 3.78 6.65
N GLU B 55 -22.46 4.20 7.89
CA GLU B 55 -22.71 3.43 9.13
C GLU B 55 -23.04 1.96 8.96
N LYS B 56 -24.34 1.67 8.80
CA LYS B 56 -24.86 0.32 8.90
C LYS B 56 -24.87 -0.39 7.55
N VAL B 57 -24.69 0.38 6.49
CA VAL B 57 -24.54 -0.21 5.14
C VAL B 57 -23.26 -1.10 5.11
N LEU B 58 -22.21 -0.62 5.76
CA LEU B 58 -20.96 -1.39 5.93
C LEU B 58 -21.19 -2.74 6.64
N GLU B 59 -22.16 -2.77 7.55
CA GLU B 59 -22.47 -4.01 8.34
C GLU B 59 -23.04 -5.08 7.44
N GLN B 60 -23.92 -4.62 6.56
CA GLN B 60 -24.54 -5.43 5.50
C GLN B 60 -23.55 -5.93 4.46
N ILE B 61 -22.59 -5.08 4.10
CA ILE B 61 -21.46 -5.50 3.25
C ILE B 61 -20.63 -6.61 3.94
N GLU B 62 -20.35 -6.43 5.22
CA GLU B 62 -19.50 -7.39 5.95
C GLU B 62 -20.14 -8.78 6.17
N LYS B 63 -21.40 -8.84 6.58
CA LYS B 63 -22.05 -10.15 6.64
C LYS B 63 -22.06 -10.77 5.26
N GLN B 64 -22.16 -9.93 4.24
CA GLN B 64 -22.15 -10.43 2.86
C GLN B 64 -20.77 -10.99 2.48
N LEU B 65 -19.72 -10.38 3.05
CA LEU B 65 -18.33 -10.84 2.88
C LEU B 65 -18.16 -12.24 3.43
N HIS B 66 -18.72 -12.47 4.62
CA HIS B 66 -18.70 -13.84 5.22
C HIS B 66 -19.39 -14.91 4.40
N LYS B 67 -20.30 -14.52 3.52
CA LYS B 67 -20.99 -15.47 2.65
C LYS B 67 -20.18 -15.86 1.42
N LEU B 68 -19.10 -15.13 1.10
CA LEU B 68 -18.36 -15.38 -0.10
C LEU B 68 -17.49 -16.59 0.02
N VAL B 69 -17.60 -17.48 -0.95
CA VAL B 69 -16.86 -18.73 -0.94
C VAL B 69 -15.32 -18.52 -0.96
N ASP B 70 -14.84 -17.47 -1.62
CA ASP B 70 -13.36 -17.30 -1.70
C ASP B 70 -12.76 -16.53 -0.51
N VAL B 71 -13.58 -16.07 0.43
CA VAL B 71 -13.14 -15.33 1.59
C VAL B 71 -12.91 -16.30 2.73
N LEU B 72 -11.72 -16.28 3.35
CA LEU B 72 -11.42 -17.16 4.49
C LEU B 72 -11.72 -16.51 5.84
N ARG B 73 -11.36 -15.23 5.97
CA ARG B 73 -11.55 -14.49 7.23
C ARG B 73 -11.74 -13.01 6.97
N VAL B 74 -12.43 -12.35 7.88
CA VAL B 74 -12.75 -10.92 7.78
C VAL B 74 -12.57 -10.30 9.17
N SER B 75 -11.89 -9.16 9.27
CA SER B 75 -11.76 -8.47 10.56
C SER B 75 -11.91 -6.97 10.41
N GLU B 76 -12.53 -6.35 11.40
CA GLU B 76 -12.54 -4.91 11.52
C GLU B 76 -11.31 -4.52 12.35
N LEU B 77 -10.46 -3.68 11.79
CA LEU B 77 -9.30 -3.14 12.53
C LEU B 77 -9.72 -2.16 13.64
N GLY B 78 -10.65 -1.28 13.30
CA GLY B 78 -11.25 -0.34 14.29
C GLY B 78 -12.12 -1.00 15.37
N GLN B 79 -11.63 -2.13 15.86
CA GLN B 79 -12.17 -2.79 17.04
C GLN B 79 -11.07 -3.03 18.08
N GLY B 80 -9.85 -2.66 17.71
CA GLY B 80 -8.74 -2.47 18.67
C GLY B 80 -8.61 -0.98 18.97
N ALA B 81 -7.78 -0.56 19.94
CA ALA B 81 -6.61 -1.31 20.44
C ALA B 81 -5.87 -1.85 19.22
N HIS B 82 -5.32 -0.94 18.45
CA HIS B 82 -4.65 -1.35 17.21
C HIS B 82 -3.59 -0.36 16.75
N VAL B 83 -2.73 -0.82 15.85
CA VAL B 83 -1.81 0.09 15.15
C VAL B 83 -2.14 0.09 13.64
N GLU B 84 -2.11 1.25 12.97
CA GLU B 84 -2.40 1.32 11.52
C GLU B 84 -1.33 2.21 10.91
N ARG B 85 -0.74 1.77 9.82
CA ARG B 85 0.36 2.53 9.18
C ARG B 85 0.21 2.49 7.66
N GLU B 86 0.87 3.44 7.04
CA GLU B 86 0.87 3.61 5.63
C GLU B 86 2.26 4.09 5.18
N ILE B 87 2.58 3.89 3.92
CA ILE B 87 3.79 4.48 3.29
C ILE B 87 3.40 5.32 2.04
N MET B 88 4.14 6.41 1.82
CA MET B 88 3.95 7.23 0.67
C MET B 88 5.29 7.59 0.06
N LEU B 89 5.28 7.68 -1.27
CA LEU B 89 6.33 8.27 -2.07
C LEU B 89 5.78 9.54 -2.67
N VAL B 90 6.41 10.65 -2.38
CA VAL B 90 6.00 11.96 -2.87
C VAL B 90 7.13 12.71 -3.60
N LYS B 91 6.86 13.03 -4.88
CA LYS B 91 7.85 13.73 -5.73
C LYS B 91 7.47 15.20 -5.69
N ILE B 92 8.45 16.05 -5.37
CA ILE B 92 8.23 17.48 -5.09
C ILE B 92 9.23 18.35 -5.86
N GLN B 93 8.69 19.39 -6.50
CA GLN B 93 9.50 20.42 -7.13
C GLN B 93 10.18 21.17 -6.02
N ALA B 94 11.48 21.25 -6.11
CA ALA B 94 12.35 21.55 -4.95
C ALA B 94 13.44 22.47 -5.50
N SER B 95 13.15 23.78 -5.54
CA SER B 95 14.09 24.84 -5.95
C SER B 95 14.09 26.00 -4.95
N GLY B 96 15.26 26.59 -4.80
CA GLY B 96 15.49 27.71 -3.87
C GLY B 96 14.92 27.55 -2.47
N TYR B 97 14.14 28.51 -1.99
CA TYR B 97 13.47 28.40 -0.67
C TYR B 97 12.73 27.07 -0.43
N GLY B 98 11.97 26.66 -1.44
CA GLY B 98 11.21 25.41 -1.37
C GLY B 98 12.11 24.18 -1.18
N ARG B 99 13.35 24.22 -1.72
CA ARG B 99 14.28 23.05 -1.55
C ARG B 99 14.73 22.89 -0.06
N ASP B 100 15.10 24.03 0.54
CA ASP B 100 15.39 24.15 2.01
C ASP B 100 14.21 23.63 2.82
N GLU B 101 13.04 24.15 2.48
CA GLU B 101 11.84 23.79 3.18
C GLU B 101 11.48 22.29 3.08
N VAL B 102 11.63 21.72 1.89
CA VAL B 102 11.29 20.34 1.71
C VAL B 102 12.22 19.50 2.54
N LYS B 103 13.52 19.78 2.45
CA LYS B 103 14.50 19.04 3.28
C LYS B 103 14.18 19.15 4.81
N ARG B 104 13.93 20.34 5.29
CA ARG B 104 13.62 20.60 6.70
C ARG B 104 12.37 19.84 7.11
N ASN B 105 11.34 19.87 6.30
CA ASN B 105 10.10 19.18 6.67
C ASN B 105 10.21 17.66 6.61
N THR B 106 11.01 17.16 5.69
CA THR B 106 11.34 15.74 5.66
C THR B 106 12.01 15.34 6.98
N GLU B 107 12.96 16.15 7.45
CA GLU B 107 13.65 15.89 8.74
C GLU B 107 12.66 15.85 9.90
N ILE B 108 11.84 16.88 9.95
CA ILE B 108 10.84 17.04 11.01
C ILE B 108 9.92 15.81 11.10
N PHE B 109 9.42 15.36 9.94
CA PHE B 109 8.44 14.26 9.89
C PHE B 109 9.13 12.88 9.91
N ARG B 110 10.47 12.88 9.99
CA ARG B 110 11.28 11.65 9.98
C ARG B 110 11.04 10.80 8.70
N GLY B 111 10.95 11.46 7.57
CA GLY B 111 11.00 10.80 6.27
C GLY B 111 12.45 10.71 5.78
N GLN B 112 12.60 10.29 4.54
CA GLN B 112 13.90 10.22 3.93
C GLN B 112 13.79 10.51 2.43
N ILE B 113 14.75 11.21 1.89
CA ILE B 113 14.79 11.47 0.42
C ILE B 113 15.49 10.27 -0.27
N ILE B 114 14.84 9.74 -1.30
CA ILE B 114 15.27 8.50 -1.95
C ILE B 114 15.63 8.71 -3.42
N ASP B 115 15.42 9.95 -3.92
CA ASP B 115 15.81 10.32 -5.30
C ASP B 115 16.02 11.80 -5.31
N VAL B 116 17.03 12.25 -6.06
CA VAL B 116 17.45 13.64 -6.10
C VAL B 116 17.82 14.03 -7.53
N THR B 117 17.31 15.16 -7.96
CA THR B 117 17.87 15.89 -9.12
C THR B 117 18.10 17.33 -8.64
N PRO B 118 18.78 18.16 -9.42
CA PRO B 118 18.87 19.53 -8.92
C PRO B 118 17.55 20.36 -8.72
N SER B 119 16.41 19.88 -9.23
CA SER B 119 15.11 20.55 -9.01
C SER B 119 13.96 19.68 -8.45
N LEU B 120 14.27 18.44 -8.09
CA LEU B 120 13.24 17.49 -7.60
C LEU B 120 13.79 16.67 -6.45
N TYR B 121 12.94 16.45 -5.44
CA TYR B 121 13.17 15.44 -4.43
C TYR B 121 12.04 14.45 -4.43
N THR B 122 12.34 13.16 -4.23
CA THR B 122 11.29 12.18 -3.94
C THR B 122 11.48 11.78 -2.49
N VAL B 123 10.45 11.98 -1.68
CA VAL B 123 10.44 11.68 -0.26
C VAL B 123 9.69 10.39 -0.01
N GLN B 124 10.24 9.55 0.86
CA GLN B 124 9.60 8.39 1.37
C GLN B 124 9.20 8.71 2.83
N LEU B 125 7.92 8.54 3.14
CA LEU B 125 7.44 8.75 4.51
C LEU B 125 6.47 7.61 4.94
N ALA B 126 6.71 7.01 6.11
CA ALA B 126 5.85 5.99 6.67
C ALA B 126 5.29 6.54 8.00
N GLY B 127 4.11 6.11 8.35
CA GLY B 127 3.49 6.62 9.54
C GLY B 127 2.02 6.31 9.59
N THR B 128 1.33 6.87 10.54
CA THR B 128 -0.10 6.84 10.53
C THR B 128 -0.66 7.62 9.28
N SER B 129 -1.92 7.40 8.93
CA SER B 129 -2.57 8.16 7.85
C SER B 129 -2.55 9.67 8.15
N GLY B 130 -2.79 10.04 9.40
CA GLY B 130 -2.68 11.42 9.87
C GLY B 130 -1.32 12.06 9.74
N LYS B 131 -0.23 11.29 9.96
CA LYS B 131 1.11 11.78 9.81
C LYS B 131 1.36 12.17 8.33
N LEU B 132 0.94 11.27 7.42
CA LEU B 132 1.13 11.51 6.00
C LEU B 132 0.32 12.71 5.52
N ASP B 133 -0.92 12.80 5.99
CA ASP B 133 -1.79 13.90 5.68
C ASP B 133 -1.12 15.22 6.15
N ALA B 134 -0.60 15.24 7.38
CA ALA B 134 0.04 16.45 7.93
C ALA B 134 1.29 16.87 7.11
N PHE B 135 2.05 15.89 6.62
CA PHE B 135 3.20 16.18 5.78
C PHE B 135 2.76 16.91 4.49
N LEU B 136 1.73 16.36 3.83
CA LEU B 136 1.26 17.00 2.58
C LEU B 136 0.73 18.42 2.85
N ALA B 137 -0.02 18.56 3.94
CA ALA B 137 -0.61 19.88 4.33
C ALA B 137 0.48 20.91 4.59
N SER B 138 1.60 20.48 5.14
CA SER B 138 2.69 21.37 5.54
C SER B 138 3.46 21.89 4.36
N ILE B 139 3.43 21.18 3.25
CA ILE B 139 4.25 21.54 2.10
C ILE B 139 3.51 21.99 0.83
N ARG B 140 2.25 21.61 0.70
CA ARG B 140 1.55 21.73 -0.61
C ARG B 140 1.43 23.14 -1.11
N ASP B 141 1.40 24.10 -0.19
CA ASP B 141 1.36 25.54 -0.57
C ASP B 141 2.68 26.26 -0.77
N VAL B 142 3.77 25.57 -0.48
CA VAL B 142 5.10 26.06 -0.53
C VAL B 142 5.96 25.54 -1.67
N ALA B 143 5.76 24.27 -2.01
CA ALA B 143 6.51 23.61 -3.05
C ALA B 143 5.51 22.75 -3.77
N LYS B 144 5.68 22.65 -5.07
CA LYS B 144 4.71 21.92 -5.93
C LYS B 144 4.84 20.41 -5.81
N ILE B 145 3.81 19.78 -5.31
CA ILE B 145 3.74 18.30 -5.30
C ILE B 145 3.45 17.84 -6.69
N VAL B 146 4.34 17.06 -7.28
CA VAL B 146 4.13 16.62 -8.69
C VAL B 146 3.54 15.22 -8.85
N GLU B 147 3.86 14.32 -7.94
CA GLU B 147 3.37 12.95 -7.94
C GLU B 147 3.28 12.45 -6.50
N VAL B 148 2.27 11.64 -6.24
CA VAL B 148 2.07 10.97 -4.96
C VAL B 148 1.68 9.53 -5.22
N ALA B 149 2.43 8.61 -4.62
CA ALA B 149 2.03 7.20 -4.60
C ALA B 149 1.89 6.75 -3.13
N ARG B 150 0.67 6.62 -2.65
CA ARG B 150 0.41 6.18 -1.26
C ARG B 150 -0.08 4.74 -1.19
N SER B 151 0.28 4.00 -0.16
CA SER B 151 -0.06 2.58 -0.11
C SER B 151 -1.54 2.30 0.20
N GLY B 152 -2.18 3.14 1.00
CA GLY B 152 -3.31 2.67 1.76
C GLY B 152 -2.87 2.10 3.14
N VAL B 153 -3.78 2.10 4.09
CA VAL B 153 -3.44 1.56 5.41
C VAL B 153 -3.31 0.06 5.48
N VAL B 154 -2.37 -0.37 6.31
CA VAL B 154 -2.29 -1.73 6.84
C VAL B 154 -2.36 -1.68 8.38
N GLY B 155 -2.77 -2.77 9.04
CA GLY B 155 -2.77 -2.73 10.50
C GLY B 155 -2.79 -4.03 11.24
N LEU B 156 -2.51 -3.94 12.54
CA LEU B 156 -2.52 -5.09 13.47
C LEU B 156 -3.11 -4.69 14.86
N SER B 157 -3.66 -5.64 15.60
CA SER B 157 -4.06 -5.30 16.97
C SER B 157 -2.83 -5.03 17.84
N ARG B 158 -2.99 -4.26 18.90
CA ARG B 158 -1.93 -4.17 19.89
C ARG B 158 -1.79 -5.49 20.70
N GLY B 159 -0.60 -5.79 21.19
CA GLY B 159 -0.37 -6.97 22.01
C GLY B 159 -0.61 -6.75 23.48
MG MG C . 22.39 -0.38 21.00
MG MG D . -15.29 11.74 -14.30
OH2 1PE E . 18.44 0.34 1.72
C12 1PE E . 19.35 0.11 2.82
C22 1PE E . 18.64 -0.90 3.68
OH3 1PE E . 18.59 -0.66 5.07
C13 1PE E . 19.56 -2.83 5.32
C23 1PE E . 19.53 -1.41 5.85
OH4 1PE E . 20.75 -3.48 5.65
C14 1PE E . 20.86 -5.79 5.46
C24 1PE E . 20.39 -4.69 6.29
OH5 1PE E . 20.01 -5.81 4.36
C15 1PE E . 18.85 -6.77 2.57
C25 1PE E . 19.88 -7.07 3.66
OH6 1PE E . 18.94 -7.48 1.35
C16 1PE E . 18.54 -5.71 -0.31
C26 1PE E . 18.04 -7.01 0.32
OH7 1PE E . 19.23 -6.01 -1.54
MG MG F . 20.77 19.95 9.24
MG MG G . 20.29 26.01 5.74
MG MG H . 20.08 28.72 4.18
MG MG I . -2.66 25.54 -2.65
O22 P33 J . 5.15 9.69 16.49
C21 P33 J . 6.13 9.70 15.48
C20 P33 J . 6.24 11.18 15.23
O19 P33 J . 6.35 11.29 13.86
C18 P33 J . 7.45 12.10 13.45
C17 P33 J . 7.34 13.56 13.86
O16 P33 J . 6.34 14.31 13.23
C15 P33 J . 6.07 15.78 13.39
C14 P33 J . 4.50 15.95 13.51
O13 P33 J . 3.50 16.57 12.70
C12 P33 J . 2.15 16.39 13.13
C11 P33 J . 1.71 14.97 12.90
O10 P33 J . 0.31 14.78 12.77
C9 P33 J . -0.02 13.46 13.15
C8 P33 J . 0.31 13.24 14.61
C8 P33 J . 0.55 13.32 14.55
O7 P33 J . 1.39 12.31 14.69
O7 P33 J . 0.70 11.98 15.03
C6 P33 J . 1.68 11.91 16.05
C6 P33 J . 1.96 11.63 15.67
C5 P33 J . 3.18 11.87 16.32
C5 P33 J . 2.45 12.64 16.73
O4 P33 J . 3.53 13.07 17.07
O4 P33 J . 3.68 13.28 16.37
C3 P33 J . 4.39 14.09 16.54
C3 P33 J . 4.80 12.97 17.22
C2 P33 J . 3.65 15.38 16.08
C2 P33 J . 5.66 14.20 17.49
O1 P33 J . 2.58 15.81 16.91
O1 P33 J . 7.05 13.85 17.59
#